data_2G8J
#
_entry.id   2G8J
#
_cell.length_a   40.572
_cell.length_b   70.400
_cell.length_c   110.895
_cell.angle_alpha   90.00
_cell.angle_beta   90.00
_cell.angle_gamma   90.00
#
_symmetry.space_group_name_H-M   'P 21 21 21'
#
loop_
_entity.id
_entity.type
_entity.pdbx_description
1 polymer 'Calpain-1 catalytic subunit'
2 non-polymer 'CALCIUM ION'
3 non-polymer '((1S)-1-((((1S)-1-BENZYL-3-(CYCLOPROPYLAMINO)-2,3-DIOXOPROPYL)AMINO)CARBONYL)-3-METHYLBUTYL)CARBAMIC ACID 5-METHOXY-3-OXAPENTYL ESTER'
4 water water
#
_entity_poly.entity_id   1
_entity_poly.type   'polypeptide(L)'
_entity_poly.pdbx_seq_one_letter_code
;MGLGRHENAIKYLGQDYENLRARCLQNGVLFQDDAFPPVSHSLGFKELGPNSSKTYGIKWKRPTELLSNPQFIVDGATRT
DICQGALGDCWLLAAIASLTLNETILHRVVPYGQSFQEGYAGIFHFQLWQFGEWVDVVVDDLLPTKDGKLVFVHSAQGNE
FWSALLEKAYAKVNGSYEALSGGCTSEAFEDFTGGVTEWYDLQKAPSDLYQIILKALERGSLLGCSINISDIRDLEAITF
KNLVRGHAYSVTDAKQVTYQGQRVNLIRMRNPWGEVEWKGPWSDNSYEWNKVDPYEREQLRVKMEDGEFWMSFRDFIREF
TKLEICNLTPDLEHHHHHH
;
_entity_poly.pdbx_strand_id   A
#
loop_
_chem_comp.id
_chem_comp.type
_chem_comp.name
_chem_comp.formula
CA non-polymer 'CALCIUM ION' 'Ca 2'
D7G non-polymer '((1S)-1-((((1S)-1-BENZYL-3-(CYCLOPROPYLAMINO)-2,3-DIOXOPROPYL)AMINO)CARBONYL)-3-METHYLBUTYL)CARBAMIC ACID 5-METHOXY-3-OXAPENTYL ESTER' 'C25 H37 N3 O7'
#
# COMPACT_ATOMS: atom_id res chain seq x y z
N ASN A 8 18.82 15.98 -6.98
CA ASN A 8 18.82 15.14 -5.74
C ASN A 8 17.84 15.68 -4.70
N ALA A 9 17.06 14.77 -4.11
CA ALA A 9 16.04 15.14 -3.15
C ALA A 9 16.60 15.99 -2.02
N ILE A 10 15.86 17.01 -1.63
CA ILE A 10 16.25 17.84 -0.50
C ILE A 10 15.87 17.12 0.79
N LYS A 11 16.57 17.45 1.87
CA LYS A 11 16.48 16.68 3.12
C LYS A 11 15.35 17.24 3.99
N TYR A 12 14.36 16.40 4.28
CA TYR A 12 13.28 16.79 5.15
C TYR A 12 13.84 17.18 6.53
N LEU A 13 13.51 18.40 6.99
CA LEU A 13 13.98 18.91 8.29
C LEU A 13 15.51 19.08 8.37
N GLY A 14 16.20 18.92 7.23
CA GLY A 14 17.68 18.97 7.22
C GLY A 14 18.33 17.69 7.74
N GLN A 15 17.52 16.67 8.03
CA GLN A 15 18.10 15.39 8.42
C GLN A 15 18.78 14.70 7.24
N ASP A 16 20.03 14.31 7.46
CA ASP A 16 20.92 13.84 6.41
C ASP A 16 21.20 12.35 6.60
N TYR A 17 20.49 11.54 5.82
CA TYR A 17 20.56 10.07 5.94
C TYR A 17 22.00 9.53 6.02
N GLU A 18 22.79 9.79 4.99
CA GLU A 18 24.14 9.21 4.97
C GLU A 18 25.01 9.73 6.11
N ASN A 19 24.91 11.02 6.41
CA ASN A 19 25.71 11.57 7.51
C ASN A 19 25.31 10.96 8.85
N LEU A 20 24.01 10.85 9.09
CA LEU A 20 23.53 10.27 10.33
C LEU A 20 23.94 8.81 10.44
N ARG A 21 23.80 8.07 9.34
CA ARG A 21 24.18 6.66 9.30
C ARG A 21 25.66 6.46 9.62
N ALA A 22 26.50 7.22 8.93
CA ALA A 22 27.95 7.07 9.11
C ALA A 22 28.34 7.45 10.54
N ARG A 23 27.72 8.48 11.10
CA ARG A 23 28.06 8.92 12.46
C ARG A 23 27.61 7.92 13.51
N CYS A 24 26.39 7.38 13.34
CA CYS A 24 25.95 6.30 14.23
C CYS A 24 26.92 5.13 14.18
N LEU A 25 27.33 4.74 12.96
CA LEU A 25 28.25 3.61 12.85
C LEU A 25 29.56 3.89 13.58
N GLN A 26 30.09 5.10 13.40
CA GLN A 26 31.33 5.52 14.05
C GLN A 26 31.20 5.56 15.56
N ASN A 27 30.04 5.99 16.03
CA ASN A 27 29.80 6.16 17.47
C ASN A 27 29.37 4.85 18.13
N GLY A 28 29.19 3.79 17.35
CA GLY A 28 28.85 2.44 17.87
C GLY A 28 27.42 2.36 18.42
N VAL A 29 26.53 3.16 17.84
CA VAL A 29 25.14 3.20 18.31
C VAL A 29 24.17 3.08 17.13
N LEU A 30 22.92 2.76 17.46
CA LEU A 30 21.84 2.79 16.47
C LEU A 30 21.08 4.12 16.53
N PHE A 31 20.69 4.63 15.35
CA PHE A 31 19.96 5.88 15.26
C PHE A 31 18.64 5.84 16.05
N GLN A 32 18.32 6.96 16.71
CA GLN A 32 17.00 7.18 17.32
C GLN A 32 16.59 8.56 16.82
N ASP A 33 15.39 8.64 16.27
CA ASP A 33 14.98 9.81 15.50
C ASP A 33 14.35 10.87 16.38
N ASP A 34 15.10 11.95 16.67
CA ASP A 34 14.54 13.04 17.49
C ASP A 34 13.27 13.64 16.85
N ALA A 35 13.19 13.58 15.53
CA ALA A 35 12.04 14.22 14.82
C ALA A 35 10.73 13.41 14.84
N PHE A 36 10.82 12.12 15.22
CA PHE A 36 9.71 11.19 15.20
C PHE A 36 10.14 10.03 16.09
N PRO A 37 10.23 10.32 17.38
CA PRO A 37 10.80 9.39 18.37
C PRO A 37 9.89 8.21 18.73
N PRO A 38 10.45 7.15 19.33
CA PRO A 38 9.73 5.92 19.68
C PRO A 38 8.95 6.11 20.98
N VAL A 39 7.91 6.94 20.90
CA VAL A 39 7.08 7.28 22.04
C VAL A 39 5.65 7.52 21.55
N SER A 40 4.71 7.64 22.48
CA SER A 40 3.28 7.58 22.11
C SER A 40 2.85 8.71 21.17
N HIS A 41 3.48 9.86 21.26
CA HIS A 41 3.09 10.99 20.38
C HIS A 41 3.34 10.71 18.90
N SER A 42 4.23 9.76 18.60
CA SER A 42 4.40 9.29 17.20
C SER A 42 3.29 8.33 16.78
N LEU A 43 2.66 7.66 17.76
CA LEU A 43 1.53 6.77 17.46
C LEU A 43 0.31 7.61 17.16
N GLY A 44 0.02 8.57 18.03
CA GLY A 44 -1.16 9.40 17.86
C GLY A 44 -1.55 10.25 19.04
N PHE A 45 -2.83 10.62 19.06
CA PHE A 45 -3.31 11.69 19.95
C PHE A 45 -4.66 11.41 20.59
N LYS A 46 -5.44 10.49 20.02
CA LYS A 46 -6.78 10.20 20.53
C LYS A 46 -6.94 8.70 20.67
N GLU A 47 -7.24 8.03 19.56
CA GLU A 47 -7.35 6.56 19.56
C GLU A 47 -6.01 5.92 19.86
N LEU A 48 -4.93 6.60 19.47
CA LEU A 48 -3.58 6.16 19.82
C LEU A 48 -2.86 7.17 20.73
N GLY A 49 -3.63 7.80 21.61
CA GLY A 49 -3.11 8.79 22.57
C GLY A 49 -2.38 8.19 23.77
N PRO A 50 -1.76 9.04 24.61
CA PRO A 50 -0.93 8.50 25.72
C PRO A 50 -1.72 7.60 26.66
N ASN A 51 -3.00 7.91 26.85
CA ASN A 51 -3.83 7.16 27.82
C ASN A 51 -4.84 6.17 27.20
N SER A 52 -4.62 5.80 25.94
CA SER A 52 -5.59 4.97 25.22
C SER A 52 -5.26 3.50 25.34
N SER A 53 -6.28 2.66 25.30
CA SER A 53 -6.11 1.21 25.35
C SER A 53 -5.15 0.66 24.29
N LYS A 54 -5.24 1.21 23.08
CA LYS A 54 -4.38 0.76 21.99
C LYS A 54 -2.91 1.09 22.23
N THR A 55 -2.65 2.31 22.71
CA THR A 55 -1.28 2.73 23.00
C THR A 55 -0.65 1.86 24.08
N TYR A 56 -1.39 1.59 25.14
CA TYR A 56 -0.89 0.78 26.27
C TYR A 56 -0.28 -0.57 25.87
N GLY A 57 -0.79 -1.18 24.81
CA GLY A 57 -0.32 -2.51 24.40
C GLY A 57 0.85 -2.54 23.42
N ILE A 58 1.39 -1.36 23.09
CA ILE A 58 2.41 -1.26 22.04
C ILE A 58 3.80 -1.04 22.62
N LYS A 59 4.77 -1.78 22.11
CA LYS A 59 6.16 -1.56 22.48
C LYS A 59 6.94 -1.35 21.18
N TRP A 60 7.85 -0.38 21.22
CA TRP A 60 8.67 -0.10 20.03
C TRP A 60 9.88 -1.03 19.98
N LYS A 61 10.04 -1.72 18.86
CA LYS A 61 11.16 -2.67 18.68
C LYS A 61 11.71 -2.61 17.27
N ARG A 62 13.03 -2.74 17.16
CA ARG A 62 13.67 -2.82 15.84
C ARG A 62 13.50 -4.22 15.25
N PRO A 63 13.50 -4.34 13.90
CA PRO A 63 13.47 -5.67 13.27
C PRO A 63 14.62 -6.57 13.74
N THR A 64 15.74 -5.96 14.10
CA THR A 64 16.95 -6.65 14.57
C THR A 64 16.79 -7.12 16.00
N GLU A 65 15.72 -6.66 16.65
CA GLU A 65 15.34 -7.15 17.98
C GLU A 65 14.31 -8.29 17.87
N LEU A 66 13.54 -8.31 16.77
CA LEU A 66 12.48 -9.28 16.53
C LEU A 66 12.94 -10.61 15.94
N LEU A 67 13.92 -10.54 15.04
CA LEU A 67 14.31 -11.68 14.23
C LEU A 67 15.80 -11.77 14.14
N SER A 68 16.30 -12.99 13.93
CA SER A 68 17.72 -13.16 13.71
C SER A 68 18.13 -12.61 12.35
N ASN A 69 17.24 -12.70 11.36
CA ASN A 69 17.58 -12.39 9.96
C ASN A 69 16.56 -11.46 9.29
N PRO A 70 16.38 -10.25 9.86
CA PRO A 70 15.47 -9.31 9.18
C PRO A 70 16.03 -8.86 7.84
N GLN A 71 15.13 -8.59 6.91
CA GLN A 71 15.49 -8.20 5.55
C GLN A 71 14.70 -6.96 5.18
N PHE A 72 15.38 -6.07 4.48
CA PHE A 72 14.70 -4.89 3.96
C PHE A 72 13.76 -5.33 2.82
N ILE A 73 14.32 -5.97 1.79
CA ILE A 73 13.49 -6.46 0.68
C ILE A 73 13.78 -7.95 0.46
N VAL A 74 12.72 -8.73 0.28
CA VAL A 74 12.81 -10.18 0.05
C VAL A 74 12.03 -10.51 -1.22
N ASP A 75 12.67 -11.15 -2.20
CA ASP A 75 11.98 -11.46 -3.47
C ASP A 75 11.31 -10.23 -4.11
N GLY A 76 11.99 -9.09 -4.05
CA GLY A 76 11.49 -7.87 -4.65
C GLY A 76 10.52 -7.13 -3.74
N ALA A 77 10.36 -5.84 -3.96
CA ALA A 77 9.38 -5.00 -3.27
C ALA A 77 8.11 -5.09 -4.15
N THR A 78 7.17 -5.93 -3.73
CA THR A 78 5.94 -6.21 -4.48
C THR A 78 4.68 -6.02 -3.66
N ARG A 79 3.55 -6.09 -4.36
CA ARG A 79 2.27 -5.74 -3.73
C ARG A 79 1.85 -6.68 -2.60
N THR A 80 2.31 -7.93 -2.64
CA THR A 80 2.02 -8.90 -1.57
C THR A 80 2.71 -8.53 -0.25
N ASP A 81 3.62 -7.57 -0.34
CA ASP A 81 4.37 -7.04 0.79
C ASP A 81 3.55 -6.04 1.60
N ILE A 82 2.36 -5.73 1.10
CA ILE A 82 1.49 -4.68 1.69
C ILE A 82 0.29 -5.36 2.32
N CYS A 83 0.40 -5.67 3.62
CA CYS A 83 -0.70 -6.27 4.37
C CYS A 83 -1.08 -5.35 5.53
N GLN A 84 -2.25 -4.72 5.39
CA GLN A 84 -2.70 -3.73 6.34
C GLN A 84 -2.76 -4.25 7.78
N GLY A 85 -2.33 -3.42 8.72
CA GLY A 85 -2.52 -3.74 10.14
C GLY A 85 -3.68 -2.96 10.75
N ALA A 86 -3.54 -2.63 12.03
CA ALA A 86 -4.62 -2.04 12.81
C ALA A 86 -4.60 -0.52 12.75
N LEU A 87 -4.79 0.01 11.55
CA LEU A 87 -4.78 1.44 11.32
C LEU A 87 -5.64 1.77 10.13
N GLY A 88 -6.34 2.89 10.17
CA GLY A 88 -7.25 3.26 9.08
C GLY A 88 -6.59 3.82 7.82
N ASP A 89 -5.41 3.30 7.46
CA ASP A 89 -4.68 3.85 6.31
C ASP A 89 -4.80 3.04 5.01
N CYS A 90 -5.97 2.47 4.76
CA CYS A 90 -6.16 1.68 3.53
C CYS A 90 -5.80 2.45 2.26
N TRP A 91 -6.19 3.73 2.21
CA TRP A 91 -5.87 4.63 1.09
C TRP A 91 -4.35 4.71 0.76
N LEU A 92 -3.54 4.92 1.80
CA LEU A 92 -2.09 4.93 1.65
C LEU A 92 -1.58 3.57 1.16
N LEU A 93 -2.09 2.50 1.75
CA LEU A 93 -1.60 1.16 1.44
C LEU A 93 -1.99 0.71 0.03
N ALA A 94 -3.20 1.10 -0.40
CA ALA A 94 -3.62 0.85 -1.79
C ALA A 94 -2.64 1.53 -2.76
N ALA A 95 -2.22 2.75 -2.40
CA ALA A 95 -1.28 3.49 -3.22
C ALA A 95 0.10 2.84 -3.25
N ILE A 96 0.61 2.38 -2.10
CA ILE A 96 1.89 1.67 -2.10
C ILE A 96 1.83 0.40 -2.95
N ALA A 97 0.74 -0.36 -2.78
CA ALA A 97 0.61 -1.58 -3.57
C ALA A 97 0.62 -1.23 -5.09
N SER A 98 -0.12 -0.20 -5.49
CA SER A 98 -0.07 0.23 -6.92
C SER A 98 1.31 0.71 -7.34
N LEU A 99 2.00 1.44 -6.45
CA LEU A 99 3.36 1.89 -6.71
C LEU A 99 4.30 0.76 -7.11
N THR A 100 4.17 -0.40 -6.48
CA THR A 100 5.08 -1.51 -6.75
C THR A 100 5.03 -2.01 -8.20
N LEU A 101 3.96 -1.67 -8.93
CA LEU A 101 3.84 -2.12 -10.33
C LEU A 101 4.64 -1.26 -11.33
N ASN A 102 5.27 -0.21 -10.82
CA ASN A 102 6.05 0.68 -11.65
C ASN A 102 7.42 0.72 -11.02
N GLU A 103 8.31 -0.11 -11.56
CA GLU A 103 9.67 -0.29 -11.05
C GLU A 103 10.42 1.03 -10.85
N THR A 104 10.36 1.89 -11.87
CA THR A 104 11.08 3.17 -11.83
C THR A 104 10.67 4.03 -10.64
N ILE A 105 9.36 4.26 -10.48
CA ILE A 105 8.95 5.17 -9.42
C ILE A 105 9.03 4.49 -8.04
N LEU A 106 8.81 3.17 -8.01
CA LEU A 106 8.98 2.41 -6.79
C LEU A 106 10.35 2.67 -6.17
N HIS A 107 11.39 2.57 -6.98
CA HIS A 107 12.71 2.67 -6.43
C HIS A 107 13.26 4.11 -6.37
N ARG A 108 12.46 5.08 -6.81
CA ARG A 108 12.67 6.46 -6.41
C ARG A 108 12.23 6.59 -4.94
N VAL A 109 11.01 6.13 -4.67
CA VAL A 109 10.43 6.26 -3.35
C VAL A 109 11.21 5.41 -2.33
N VAL A 110 11.63 4.22 -2.77
CA VAL A 110 12.34 3.27 -1.92
C VAL A 110 13.78 3.11 -2.49
N PRO A 111 14.72 3.95 -2.02
CA PRO A 111 16.07 3.91 -2.56
C PRO A 111 16.73 2.58 -2.34
N TYR A 112 17.59 2.24 -3.29
CA TYR A 112 18.41 1.04 -3.22
C TYR A 112 19.47 1.22 -2.18
N GLY A 113 19.98 0.08 -1.73
CA GLY A 113 21.20 0.03 -0.96
C GLY A 113 20.95 -0.02 0.53
N GLN A 114 19.72 -0.35 0.94
CA GLN A 114 19.38 -0.36 2.37
C GLN A 114 19.28 -1.77 2.91
N SER A 115 19.93 -2.02 4.04
CA SER A 115 20.04 -3.40 4.51
C SER A 115 20.14 -3.43 6.02
N PHE A 116 19.84 -4.60 6.58
CA PHE A 116 20.07 -4.85 8.00
C PHE A 116 21.45 -5.47 8.27
N GLN A 117 22.24 -5.62 7.22
CA GLN A 117 23.59 -6.18 7.36
C GLN A 117 24.65 -5.10 7.25
N GLU A 118 25.48 -5.17 6.22
CA GLU A 118 26.62 -4.26 6.10
C GLU A 118 26.14 -2.81 6.08
N GLY A 119 26.71 -2.00 6.97
CA GLY A 119 26.42 -0.56 7.04
C GLY A 119 25.16 -0.21 7.83
N TYR A 120 24.47 -1.23 8.33
CA TYR A 120 23.28 -0.99 9.19
C TYR A 120 23.60 -0.21 10.46
N ALA A 121 22.84 0.85 10.70
CA ALA A 121 22.92 1.60 11.95
C ALA A 121 21.55 2.07 12.43
N GLY A 122 20.50 1.30 12.09
CA GLY A 122 19.14 1.55 12.63
C GLY A 122 18.43 2.74 12.00
N ILE A 123 18.88 3.11 10.81
CA ILE A 123 18.26 4.24 10.06
C ILE A 123 17.98 3.81 8.60
N PHE A 124 16.81 4.25 8.11
CA PHE A 124 16.40 4.04 6.71
C PHE A 124 15.85 5.36 6.16
N HIS A 125 15.68 5.42 4.85
CA HIS A 125 15.16 6.66 4.22
C HIS A 125 14.31 6.36 3.00
N PHE A 126 13.43 7.31 2.70
CA PHE A 126 12.50 7.18 1.57
C PHE A 126 12.32 8.55 0.98
N GLN A 127 11.87 8.59 -0.28
CA GLN A 127 11.67 9.88 -0.92
C GLN A 127 10.19 10.05 -1.22
N LEU A 128 9.70 11.23 -0.82
CA LEU A 128 8.31 11.59 -1.05
C LEU A 128 8.18 12.93 -1.74
N TRP A 129 7.06 13.12 -2.43
CA TRP A 129 6.72 14.40 -3.04
C TRP A 129 5.90 15.14 -2.00
N GLN A 130 6.51 16.14 -1.37
CA GLN A 130 5.93 16.85 -0.24
C GLN A 130 6.32 18.30 -0.31
N PHE A 131 5.40 19.19 0.08
CA PHE A 131 5.66 20.64 0.06
C PHE A 131 6.06 21.15 -1.34
N GLY A 132 5.58 20.51 -2.39
CA GLY A 132 5.99 20.84 -3.76
C GLY A 132 7.47 20.60 -4.03
N GLU A 133 8.05 19.64 -3.31
CA GLU A 133 9.45 19.22 -3.48
C GLU A 133 9.54 17.69 -3.39
N TRP A 134 10.54 17.09 -4.03
CA TRP A 134 10.96 15.74 -3.71
C TRP A 134 11.86 15.77 -2.49
N VAL A 135 11.44 15.07 -1.43
CA VAL A 135 12.13 15.18 -0.14
C VAL A 135 12.57 13.81 0.36
N ASP A 136 13.78 13.75 0.94
CA ASP A 136 14.28 12.54 1.57
C ASP A 136 13.91 12.59 3.05
N VAL A 137 13.24 11.52 3.48
CA VAL A 137 12.75 11.39 4.83
C VAL A 137 13.47 10.24 5.48
N VAL A 138 14.10 10.52 6.64
CA VAL A 138 14.71 9.43 7.41
C VAL A 138 13.78 8.92 8.49
N VAL A 139 13.97 7.66 8.88
CA VAL A 139 13.34 7.12 10.07
C VAL A 139 14.33 6.22 10.76
N ASP A 140 14.23 6.12 12.08
CA ASP A 140 14.89 5.01 12.77
C ASP A 140 14.00 3.78 12.55
N ASP A 141 14.54 2.60 12.81
CA ASP A 141 13.76 1.37 12.53
C ASP A 141 13.04 0.82 13.78
N LEU A 142 12.94 1.60 14.87
CA LEU A 142 11.98 1.20 15.92
C LEU A 142 10.55 1.20 15.37
N LEU A 143 9.85 0.07 15.51
CA LEU A 143 8.50 -0.04 14.96
C LEU A 143 7.47 -0.45 16.03
N PRO A 144 6.22 0.04 15.92
CA PRO A 144 5.19 -0.37 16.87
C PRO A 144 4.93 -1.89 16.81
N THR A 145 5.07 -2.56 17.95
CA THR A 145 4.80 -4.00 18.00
C THR A 145 3.94 -4.35 19.20
N LYS A 146 3.32 -5.52 19.13
CA LYS A 146 2.56 -6.06 20.25
C LYS A 146 2.78 -7.57 20.22
N ASP A 147 3.23 -8.13 21.33
CA ASP A 147 3.52 -9.57 21.42
C ASP A 147 4.44 -10.03 20.28
N GLY A 148 5.44 -9.21 19.97
CA GLY A 148 6.49 -9.57 19.02
C GLY A 148 6.15 -9.40 17.54
N LYS A 149 4.95 -8.90 17.26
CA LYS A 149 4.51 -8.74 15.88
C LYS A 149 4.20 -7.28 15.57
N LEU A 150 4.42 -6.89 14.32
CA LEU A 150 4.08 -5.53 13.89
C LEU A 150 2.59 -5.28 14.04
N VAL A 151 2.25 -4.11 14.57
CA VAL A 151 0.83 -3.69 14.77
C VAL A 151 0.21 -3.14 13.48
N PHE A 152 1.01 -2.41 12.71
CA PHE A 152 0.52 -1.76 11.50
C PHE A 152 0.93 -2.55 10.23
N VAL A 153 1.39 -1.89 9.17
CA VAL A 153 1.60 -2.64 7.92
C VAL A 153 2.70 -3.68 8.08
N HIS A 154 2.53 -4.82 7.41
CA HIS A 154 3.52 -5.87 7.42
C HIS A 154 3.47 -6.60 6.09
N SER A 155 4.51 -7.38 5.80
CA SER A 155 4.60 -8.11 4.55
C SER A 155 4.06 -9.52 4.78
N ALA A 156 3.52 -10.14 3.72
CA ALA A 156 3.24 -11.57 3.75
C ALA A 156 4.50 -12.40 4.05
N GLN A 157 5.67 -11.88 3.66
CA GLN A 157 7.00 -12.40 4.04
C GLN A 157 7.34 -11.82 5.43
N GLY A 158 7.22 -12.66 6.46
CA GLY A 158 7.31 -12.19 7.84
C GLY A 158 8.63 -11.57 8.29
N ASN A 159 9.68 -11.73 7.50
CA ASN A 159 10.97 -11.14 7.84
C ASN A 159 11.32 -9.98 6.90
N GLU A 160 10.32 -9.41 6.23
CA GLU A 160 10.54 -8.31 5.29
C GLU A 160 9.99 -7.00 5.86
N PHE A 161 10.79 -5.92 5.82
CA PHE A 161 10.44 -4.68 6.52
C PHE A 161 10.33 -3.38 5.71
N TRP A 162 10.61 -3.42 4.40
CA TRP A 162 10.58 -2.15 3.63
C TRP A 162 9.23 -1.42 3.76
N SER A 163 8.12 -2.17 3.68
CA SER A 163 6.79 -1.52 3.65
C SER A 163 6.45 -0.97 5.03
N ALA A 164 6.84 -1.70 6.09
CA ALA A 164 6.64 -1.19 7.45
C ALA A 164 7.38 0.13 7.63
N LEU A 165 8.61 0.16 7.16
CA LEU A 165 9.45 1.35 7.31
C LEU A 165 8.92 2.51 6.44
N LEU A 166 8.42 2.19 5.24
CA LEU A 166 7.81 3.23 4.40
C LEU A 166 6.56 3.81 5.04
N GLU A 167 5.68 2.94 5.56
CA GLU A 167 4.49 3.47 6.23
C GLU A 167 4.94 4.36 7.42
N LYS A 168 6.01 3.97 8.13
CA LYS A 168 6.49 4.82 9.21
C LYS A 168 6.96 6.21 8.74
N ALA A 169 7.69 6.24 7.63
CA ALA A 169 8.14 7.53 7.04
C ALA A 169 6.95 8.42 6.63
N TYR A 170 5.92 7.79 6.06
CA TYR A 170 4.72 8.54 5.70
C TYR A 170 3.98 9.05 6.96
N ALA A 171 3.89 8.23 8.01
CA ALA A 171 3.34 8.72 9.30
C ALA A 171 4.12 9.93 9.79
N LYS A 172 5.45 9.83 9.71
CA LYS A 172 6.35 10.90 10.15
C LYS A 172 5.99 12.24 9.51
N VAL A 173 5.87 12.26 8.19
CA VAL A 173 5.63 13.54 7.51
C VAL A 173 4.25 14.06 7.87
N ASN A 174 3.33 13.15 8.21
CA ASN A 174 1.97 13.54 8.62
C ASN A 174 1.77 13.78 10.10
N GLY A 175 2.81 13.53 10.90
CA GLY A 175 2.80 13.83 12.32
C GLY A 175 2.66 12.64 13.27
N SER A 176 1.91 11.62 12.84
CA SER A 176 1.72 10.44 13.67
C SER A 176 1.05 9.39 12.80
N TYR A 177 1.06 8.17 13.31
CA TYR A 177 0.31 7.11 12.64
C TYR A 177 -1.18 7.44 12.65
N GLU A 178 -1.70 7.94 13.76
CA GLU A 178 -3.14 8.19 13.82
C GLU A 178 -3.56 9.23 12.76
N ALA A 179 -2.65 10.14 12.44
CA ALA A 179 -2.91 11.17 11.41
C ALA A 179 -3.25 10.52 10.03
N LEU A 180 -2.87 9.25 9.85
CA LEU A 180 -3.16 8.49 8.61
C LEU A 180 -4.51 7.76 8.60
N SER A 181 -5.27 7.85 9.69
CA SER A 181 -6.58 7.18 9.79
C SER A 181 -7.65 7.93 8.97
N GLY A 182 -8.05 7.31 7.87
CA GLY A 182 -9.02 7.94 6.96
C GLY A 182 -8.35 8.89 5.99
N GLY A 183 -8.57 8.67 4.70
CA GLY A 183 -7.92 9.50 3.71
C GLY A 183 -8.29 9.21 2.29
N CYS A 184 -7.50 9.78 1.39
CA CYS A 184 -7.78 9.80 -0.03
C CYS A 184 -6.64 9.13 -0.78
N THR A 185 -6.96 8.04 -1.50
CA THR A 185 -5.94 7.29 -2.23
C THR A 185 -5.09 8.20 -3.13
N SER A 186 -5.74 9.16 -3.76
CA SER A 186 -5.07 10.06 -4.70
C SER A 186 -4.04 10.94 -4.01
N GLU A 187 -4.26 11.22 -2.73
CA GLU A 187 -3.29 12.01 -1.96
C GLU A 187 -1.99 11.24 -1.81
N ALA A 188 -2.10 9.96 -1.47
CA ALA A 188 -0.90 9.13 -1.45
C ALA A 188 -0.31 8.98 -2.86
N PHE A 189 -1.16 8.82 -3.87
CA PHE A 189 -0.67 8.70 -5.24
C PHE A 189 0.23 9.89 -5.60
N GLU A 190 -0.25 11.10 -5.29
CA GLU A 190 0.46 12.33 -5.58
C GLU A 190 1.76 12.37 -4.78
N ASP A 191 1.70 11.94 -3.52
CA ASP A 191 2.88 12.00 -2.66
C ASP A 191 3.98 11.03 -3.11
N PHE A 192 3.62 10.07 -3.96
CA PHE A 192 4.59 9.12 -4.49
C PHE A 192 5.06 9.45 -5.90
N THR A 193 4.47 10.48 -6.52
CA THR A 193 4.74 10.73 -7.94
C THR A 193 4.88 12.20 -8.39
N GLY A 194 4.22 13.13 -7.71
CA GLY A 194 4.10 14.52 -8.20
C GLY A 194 3.18 14.61 -9.43
N GLY A 195 2.38 13.58 -9.62
CA GLY A 195 1.58 13.43 -10.82
C GLY A 195 0.22 14.12 -10.78
N VAL A 196 -0.50 13.96 -11.89
CA VAL A 196 -1.82 14.55 -12.10
C VAL A 196 -2.88 13.49 -11.80
N THR A 197 -3.75 13.79 -10.84
CA THR A 197 -4.81 12.86 -10.45
C THR A 197 -6.16 13.26 -11.05
N GLU A 198 -6.89 12.24 -11.49
CA GLU A 198 -8.23 12.38 -12.02
C GLU A 198 -9.07 11.25 -11.46
N TRP A 199 -10.37 11.48 -11.34
CA TRP A 199 -11.26 10.44 -10.88
C TRP A 199 -12.48 10.30 -11.81
N TYR A 200 -13.11 9.13 -11.73
CA TYR A 200 -14.23 8.78 -12.60
C TYR A 200 -15.38 8.30 -11.75
N ASP A 201 -16.57 8.81 -12.06
CA ASP A 201 -17.80 8.31 -11.48
C ASP A 201 -18.24 7.10 -12.28
N LEU A 202 -18.14 5.93 -11.66
CA LEU A 202 -18.37 4.67 -12.38
C LEU A 202 -19.82 4.48 -12.79
N GLN A 203 -20.73 5.21 -12.14
CA GLN A 203 -22.14 5.16 -12.55
C GLN A 203 -22.41 6.08 -13.73
N LYS A 204 -21.37 6.80 -14.14
CA LYS A 204 -21.43 7.67 -15.32
C LYS A 204 -20.17 7.47 -16.16
N ALA A 205 -19.72 6.22 -16.22
CA ALA A 205 -18.46 5.84 -16.86
C ALA A 205 -18.49 6.17 -18.34
N PRO A 206 -17.41 6.79 -18.85
CA PRO A 206 -17.38 7.04 -20.30
C PRO A 206 -17.23 5.71 -21.05
N SER A 207 -17.77 5.64 -22.26
CA SER A 207 -17.81 4.38 -22.99
C SER A 207 -16.42 3.81 -23.28
N ASP A 208 -15.39 4.66 -23.21
CA ASP A 208 -14.02 4.20 -23.47
C ASP A 208 -13.19 3.99 -22.19
N LEU A 209 -13.87 3.88 -21.05
CA LEU A 209 -13.15 3.77 -19.77
C LEU A 209 -12.19 2.58 -19.71
N TYR A 210 -12.61 1.44 -20.24
CA TYR A 210 -11.73 0.26 -20.21
C TYR A 210 -10.41 0.51 -20.97
N GLN A 211 -10.50 1.20 -22.10
CA GLN A 211 -9.31 1.56 -22.85
C GLN A 211 -8.44 2.55 -22.05
N ILE A 212 -9.10 3.46 -21.34
CA ILE A 212 -8.41 4.45 -20.50
C ILE A 212 -7.62 3.71 -19.41
N ILE A 213 -8.23 2.67 -18.87
CA ILE A 213 -7.62 1.89 -17.81
C ILE A 213 -6.43 1.09 -18.37
N LEU A 214 -6.64 0.44 -19.52
CA LEU A 214 -5.56 -0.31 -20.16
C LEU A 214 -4.33 0.55 -20.41
N LYS A 215 -4.57 1.76 -20.92
CA LYS A 215 -3.47 2.67 -21.25
C LYS A 215 -2.74 3.14 -20.00
N ALA A 216 -3.50 3.42 -18.94
CA ALA A 216 -2.89 3.92 -17.70
C ALA A 216 -2.03 2.81 -17.08
N LEU A 217 -2.57 1.60 -17.04
CA LEU A 217 -1.81 0.50 -16.49
C LEU A 217 -0.51 0.30 -17.28
N GLU A 218 -0.61 0.35 -18.61
CA GLU A 218 0.54 0.23 -19.53
C GLU A 218 1.67 1.19 -19.23
N ARG A 219 1.31 2.42 -18.89
CA ARG A 219 2.29 3.47 -18.66
C ARG A 219 2.77 3.51 -17.21
N GLY A 220 2.23 2.61 -16.38
CA GLY A 220 2.62 2.54 -14.98
C GLY A 220 1.98 3.62 -14.12
N SER A 221 0.88 4.21 -14.60
CA SER A 221 0.06 5.09 -13.76
C SER A 221 -0.48 4.33 -12.56
N LEU A 222 -0.87 5.05 -11.51
CA LEU A 222 -1.41 4.38 -10.32
C LEU A 222 -2.93 4.44 -10.34
N LEU A 223 -3.58 3.31 -10.07
CA LEU A 223 -5.04 3.22 -10.12
C LEU A 223 -5.59 2.62 -8.83
N GLY A 224 -6.68 3.20 -8.33
CA GLY A 224 -7.35 2.65 -7.18
C GLY A 224 -8.83 2.80 -7.35
N CYS A 225 -9.59 2.04 -6.56
CA CYS A 225 -11.05 2.15 -6.65
C CYS A 225 -11.72 1.92 -5.30
N SER A 226 -12.97 2.37 -5.19
CA SER A 226 -13.70 2.22 -3.93
C SER A 226 -15.21 2.19 -4.15
N ILE A 227 -15.91 1.80 -3.10
CA ILE A 227 -17.38 1.74 -3.10
C ILE A 227 -17.87 2.72 -2.05
N ASN A 228 -18.57 3.75 -2.50
CA ASN A 228 -19.11 4.72 -1.58
C ASN A 228 -20.17 4.12 -0.67
N ILE A 229 -20.12 4.47 0.61
CA ILE A 229 -21.22 4.12 1.52
C ILE A 229 -22.21 5.28 1.48
N SER A 230 -23.30 5.10 0.73
CA SER A 230 -24.32 6.13 0.54
C SER A 230 -25.36 6.21 1.67
N ASP A 231 -25.20 5.39 2.71
CA ASP A 231 -26.17 5.36 3.82
C ASP A 231 -25.56 5.61 5.20
N ILE A 232 -24.30 5.17 5.38
CA ILE A 232 -23.45 5.38 6.58
C ILE A 232 -22.78 4.06 6.99
N ARG A 233 -23.61 3.05 7.26
CA ARG A 233 -23.23 1.63 7.38
C ARG A 233 -24.43 0.79 7.84
N ASP A 234 -25.60 1.12 7.30
CA ASP A 234 -26.84 0.38 7.58
C ASP A 234 -27.20 -0.65 6.49
N LEU A 235 -26.18 -1.12 5.79
CA LEU A 235 -26.27 -2.31 4.96
C LEU A 235 -24.98 -3.12 5.14
N GLU A 236 -24.33 -2.88 6.29
CA GLU A 236 -23.07 -3.54 6.70
C GLU A 236 -21.84 -2.96 5.99
N ALA A 237 -20.68 -3.06 6.65
CA ALA A 237 -19.39 -2.64 6.08
C ALA A 237 -19.00 -3.47 4.86
N ILE A 238 -19.34 -4.76 4.89
CA ILE A 238 -19.02 -5.69 3.80
C ILE A 238 -20.30 -6.04 3.04
N THR A 239 -20.21 -6.09 1.70
CA THR A 239 -21.37 -6.38 0.85
C THR A 239 -21.70 -7.87 0.82
N PHE A 240 -22.87 -8.22 0.26
CA PHE A 240 -23.24 -9.64 0.20
C PHE A 240 -22.20 -10.51 -0.53
N LYS A 241 -21.55 -9.91 -1.54
CA LYS A 241 -20.54 -10.63 -2.35
C LYS A 241 -19.09 -10.40 -1.86
N ASN A 242 -18.95 -9.89 -0.64
CA ASN A 242 -17.67 -9.84 0.08
C ASN A 242 -16.69 -8.75 -0.40
N LEU A 243 -17.26 -7.66 -0.90
CA LEU A 243 -16.50 -6.41 -1.13
C LEU A 243 -16.59 -5.56 0.14
N VAL A 244 -15.57 -4.74 0.38
CA VAL A 244 -15.55 -3.85 1.56
C VAL A 244 -15.92 -2.44 1.12
N ARG A 245 -16.96 -1.86 1.71
CA ARG A 245 -17.41 -0.52 1.35
C ARG A 245 -16.52 0.52 2.06
N GLY A 246 -16.43 1.72 1.50
CA GLY A 246 -15.66 2.81 2.11
C GLY A 246 -14.18 2.46 2.27
N HIS A 247 -13.65 1.68 1.32
CA HIS A 247 -12.34 1.06 1.48
C HIS A 247 -11.54 1.13 0.18
N ALA A 248 -10.28 1.53 0.28
CA ALA A 248 -9.40 1.65 -0.89
C ALA A 248 -8.90 0.31 -1.39
N TYR A 249 -9.13 0.02 -2.68
CA TYR A 249 -8.50 -1.10 -3.36
C TYR A 249 -7.52 -0.56 -4.40
N SER A 250 -6.46 -1.33 -4.68
CA SER A 250 -5.55 -1.06 -5.78
C SER A 250 -6.11 -1.74 -7.01
N VAL A 251 -6.10 -1.07 -8.15
CA VAL A 251 -6.38 -1.75 -9.42
C VAL A 251 -5.03 -2.21 -9.98
N THR A 252 -4.89 -3.52 -10.19
CA THR A 252 -3.58 -4.11 -10.47
C THR A 252 -3.39 -4.72 -11.84
N ASP A 253 -4.48 -4.90 -12.58
CA ASP A 253 -4.38 -5.40 -13.96
C ASP A 253 -5.70 -5.24 -14.68
N ALA A 254 -5.63 -5.42 -15.99
CA ALA A 254 -6.79 -5.40 -16.85
C ALA A 254 -6.40 -6.27 -18.02
N LYS A 255 -7.17 -7.34 -18.24
CA LYS A 255 -6.88 -8.33 -19.28
C LYS A 255 -8.18 -8.87 -19.85
N GLN A 256 -8.11 -9.33 -21.10
CA GLN A 256 -9.28 -9.81 -21.83
C GLN A 256 -9.18 -11.31 -22.02
N VAL A 257 -10.22 -12.04 -21.59
CA VAL A 257 -10.26 -13.51 -21.71
C VAL A 257 -11.28 -13.92 -22.77
N THR A 258 -11.12 -15.14 -23.27
CA THR A 258 -12.06 -15.72 -24.22
C THR A 258 -12.96 -16.68 -23.46
N TYR A 259 -14.18 -16.24 -23.25
CA TYR A 259 -15.17 -16.94 -22.44
C TYR A 259 -16.24 -17.48 -23.34
N GLN A 260 -16.26 -18.81 -23.45
CA GLN A 260 -17.11 -19.55 -24.38
C GLN A 260 -17.03 -18.94 -25.78
N GLY A 261 -15.81 -18.72 -26.25
CA GLY A 261 -15.60 -18.16 -27.59
C GLY A 261 -15.87 -16.67 -27.79
N GLN A 262 -16.13 -15.95 -26.70
CA GLN A 262 -16.42 -14.52 -26.77
C GLN A 262 -15.51 -13.75 -25.81
N ARG A 263 -14.93 -12.65 -26.29
CA ARG A 263 -14.06 -11.82 -25.46
C ARG A 263 -14.83 -11.22 -24.29
N VAL A 264 -14.25 -11.31 -23.09
CA VAL A 264 -14.80 -10.61 -21.92
C VAL A 264 -13.68 -9.78 -21.29
N ASN A 265 -13.95 -8.50 -21.12
CA ASN A 265 -13.01 -7.59 -20.45
C ASN A 265 -13.02 -7.83 -18.95
N LEU A 266 -11.85 -8.08 -18.39
CA LEU A 266 -11.70 -8.29 -16.94
C LEU A 266 -10.81 -7.21 -16.35
N ILE A 267 -10.96 -7.04 -15.04
CA ILE A 267 -10.13 -6.09 -14.28
C ILE A 267 -9.71 -6.76 -12.98
N ARG A 268 -8.46 -6.54 -12.55
CA ARG A 268 -7.92 -7.16 -11.36
C ARG A 268 -7.66 -6.12 -10.30
N MET A 269 -8.01 -6.45 -9.06
CA MET A 269 -7.80 -5.51 -7.97
C MET A 269 -7.35 -6.22 -6.73
N ARG A 270 -6.85 -5.44 -5.78
CA ARG A 270 -6.25 -6.01 -4.58
C ARG A 270 -6.66 -5.25 -3.34
N ASN A 271 -7.23 -6.00 -2.41
CA ASN A 271 -7.60 -5.46 -1.10
C ASN A 271 -6.30 -5.33 -0.30
N PRO A 272 -5.93 -4.10 0.15
CA PRO A 272 -4.69 -3.93 0.92
C PRO A 272 -4.64 -4.74 2.23
N TRP A 273 -5.77 -5.31 2.64
CA TRP A 273 -5.76 -6.25 3.77
C TRP A 273 -4.92 -7.50 3.47
N GLY A 274 -4.74 -7.82 2.17
CA GLY A 274 -4.08 -9.07 1.76
C GLY A 274 -5.00 -10.30 1.91
N GLU A 275 -6.28 -10.02 2.07
CA GLU A 275 -7.34 -11.01 2.27
C GLU A 275 -8.71 -10.35 2.12
N VAL A 276 -9.77 -11.17 2.13
CA VAL A 276 -11.17 -10.74 1.95
C VAL A 276 -11.41 -10.27 0.52
N GLU A 277 -12.00 -11.17 -0.27
CA GLU A 277 -12.12 -10.97 -1.70
C GLU A 277 -13.55 -11.16 -2.19
N TRP A 278 -13.88 -10.43 -3.25
CA TRP A 278 -15.06 -10.66 -4.09
C TRP A 278 -15.32 -12.14 -4.30
N LYS A 279 -16.60 -12.50 -4.19
CA LYS A 279 -17.03 -13.90 -4.39
C LYS A 279 -17.99 -14.04 -5.57
N GLY A 280 -18.11 -13.02 -6.40
CA GLY A 280 -18.99 -13.09 -7.56
C GLY A 280 -18.30 -13.69 -8.77
N PRO A 281 -18.91 -13.52 -9.95
CA PRO A 281 -18.27 -14.02 -11.16
C PRO A 281 -16.81 -13.59 -11.30
N TRP A 282 -15.98 -14.53 -11.73
CA TRP A 282 -14.53 -14.33 -11.95
C TRP A 282 -13.69 -14.33 -10.68
N SER A 283 -14.36 -14.38 -9.51
CA SER A 283 -13.62 -14.62 -8.26
C SER A 283 -12.82 -15.91 -8.38
N ASP A 284 -11.89 -16.10 -7.45
CA ASP A 284 -10.94 -17.21 -7.52
C ASP A 284 -11.63 -18.57 -7.73
N ASN A 285 -12.71 -18.83 -6.99
CA ASN A 285 -13.38 -20.13 -7.03
C ASN A 285 -14.62 -20.18 -7.93
N SER A 286 -14.78 -19.17 -8.76
CA SER A 286 -15.97 -19.07 -9.59
C SER A 286 -15.94 -20.07 -10.74
N TYR A 287 -17.13 -20.43 -11.23
CA TYR A 287 -17.23 -21.34 -12.36
C TYR A 287 -16.81 -20.73 -13.69
N GLU A 288 -16.78 -19.40 -13.79
CA GLU A 288 -16.47 -18.77 -15.08
C GLU A 288 -15.15 -19.24 -15.69
N TRP A 289 -14.18 -19.50 -14.82
CA TRP A 289 -12.85 -19.95 -15.21
C TRP A 289 -12.82 -21.29 -15.93
N ASN A 290 -13.86 -22.11 -15.73
CA ASN A 290 -14.01 -23.40 -16.41
C ASN A 290 -14.26 -23.25 -17.91
N LYS A 291 -14.75 -22.08 -18.31
CA LYS A 291 -15.15 -21.84 -19.72
C LYS A 291 -14.22 -20.90 -20.50
N VAL A 292 -13.03 -20.66 -19.97
CA VAL A 292 -11.98 -20.00 -20.73
C VAL A 292 -10.94 -21.07 -21.12
N ASP A 293 -10.17 -20.81 -22.18
CA ASP A 293 -9.15 -21.77 -22.57
C ASP A 293 -8.06 -21.84 -21.50
N PRO A 294 -7.60 -23.08 -21.18
CA PRO A 294 -6.70 -23.37 -20.06
C PRO A 294 -5.45 -22.49 -19.95
N TYR A 295 -4.90 -22.06 -21.08
CA TYR A 295 -3.75 -21.14 -21.07
C TYR A 295 -4.06 -19.78 -20.44
N GLU A 296 -5.18 -19.18 -20.84
CA GLU A 296 -5.65 -17.92 -20.24
C GLU A 296 -5.92 -18.10 -18.74
N ARG A 297 -6.66 -19.16 -18.40
CA ARG A 297 -6.94 -19.53 -17.01
C ARG A 297 -5.65 -19.63 -16.19
N GLU A 298 -4.65 -20.30 -16.76
CA GLU A 298 -3.38 -20.53 -16.06
C GLU A 298 -2.55 -19.25 -15.90
N GLN A 299 -2.61 -18.36 -16.90
CA GLN A 299 -1.90 -17.08 -16.85
C GLN A 299 -2.53 -16.14 -15.80
N LEU A 300 -3.87 -16.12 -15.76
CA LEU A 300 -4.60 -15.09 -15.04
C LEU A 300 -5.09 -15.47 -13.65
N ARG A 301 -5.71 -16.64 -13.53
CA ARG A 301 -6.29 -17.09 -12.26
C ARG A 301 -5.23 -17.58 -11.30
N VAL A 302 -5.29 -17.07 -10.07
CA VAL A 302 -4.43 -17.55 -8.98
C VAL A 302 -5.35 -17.86 -7.81
N LYS A 303 -5.47 -19.14 -7.48
CA LYS A 303 -6.33 -19.59 -6.38
C LYS A 303 -5.61 -19.43 -5.05
N MET A 304 -5.65 -18.22 -4.50
CA MET A 304 -5.07 -17.93 -3.19
C MET A 304 -5.89 -16.86 -2.50
N GLU A 305 -6.05 -16.98 -1.18
CA GLU A 305 -6.58 -15.89 -0.38
C GLU A 305 -5.42 -14.92 -0.15
N ASP A 306 -5.28 -13.98 -1.07
CA ASP A 306 -4.17 -13.04 -1.06
C ASP A 306 -4.66 -11.59 -1.19
N GLY A 307 -5.98 -11.43 -1.15
CA GLY A 307 -6.62 -10.12 -1.34
C GLY A 307 -6.84 -9.68 -2.79
N GLU A 308 -6.26 -10.44 -3.72
CA GLU A 308 -6.34 -10.09 -5.14
C GLU A 308 -7.29 -10.99 -5.91
N PHE A 309 -8.05 -10.37 -6.82
CA PHE A 309 -9.08 -11.11 -7.55
C PHE A 309 -9.47 -10.34 -8.81
N TRP A 310 -10.15 -11.05 -9.69
CA TRP A 310 -10.69 -10.46 -10.91
C TRP A 310 -12.20 -10.23 -10.82
N MET A 311 -12.66 -9.26 -11.61
CA MET A 311 -14.08 -9.02 -11.87
C MET A 311 -14.22 -8.77 -13.35
N SER A 312 -15.38 -9.06 -13.93
CA SER A 312 -15.63 -8.51 -15.25
C SER A 312 -15.72 -7.00 -15.12
N PHE A 313 -15.35 -6.28 -16.18
CA PHE A 313 -15.48 -4.83 -16.16
C PHE A 313 -16.94 -4.41 -15.92
N ARG A 314 -17.87 -5.13 -16.55
CA ARG A 314 -19.30 -4.93 -16.35
C ARG A 314 -19.68 -4.97 -14.86
N ASP A 315 -19.27 -6.02 -14.16
CA ASP A 315 -19.58 -6.13 -12.72
C ASP A 315 -18.83 -5.06 -11.92
N PHE A 316 -17.58 -4.77 -12.32
CA PHE A 316 -16.77 -3.73 -11.66
C PHE A 316 -17.46 -2.37 -11.64
N ILE A 317 -17.98 -1.93 -12.80
CA ILE A 317 -18.62 -0.61 -12.85
C ILE A 317 -20.00 -0.62 -12.20
N ARG A 318 -20.59 -1.80 -11.99
CA ARG A 318 -21.82 -1.88 -11.20
C ARG A 318 -21.52 -1.82 -9.70
N GLU A 319 -20.50 -2.57 -9.26
CA GLU A 319 -20.21 -2.70 -7.83
C GLU A 319 -19.43 -1.51 -7.24
N PHE A 320 -18.42 -1.02 -7.96
CA PHE A 320 -17.63 0.10 -7.46
C PHE A 320 -18.20 1.41 -7.94
N THR A 321 -17.86 2.49 -7.24
CA THR A 321 -18.46 3.79 -7.53
C THR A 321 -17.45 4.82 -7.98
N LYS A 322 -16.19 4.62 -7.58
CA LYS A 322 -15.14 5.61 -7.82
C LYS A 322 -13.87 4.91 -8.32
N LEU A 323 -13.30 5.46 -9.38
CA LEU A 323 -11.97 5.05 -9.84
C LEU A 323 -11.07 6.29 -9.79
N GLU A 324 -9.86 6.13 -9.24
CA GLU A 324 -8.87 7.21 -9.25
C GLU A 324 -7.66 6.79 -10.04
N ILE A 325 -7.15 7.69 -10.88
CA ILE A 325 -5.99 7.41 -11.68
C ILE A 325 -5.01 8.54 -11.48
N CYS A 326 -3.79 8.18 -11.12
CA CYS A 326 -2.71 9.17 -11.03
C CYS A 326 -1.73 8.96 -12.19
N ASN A 327 -1.72 9.90 -13.12
CA ASN A 327 -0.85 9.81 -14.30
C ASN A 327 0.48 10.53 -14.11
N LEU A 328 1.56 9.92 -14.61
CA LEU A 328 2.92 10.46 -14.49
C LEU A 328 3.37 11.26 -15.72
N THR A 329 4.69 11.54 -15.77
CA THR A 329 5.31 12.26 -16.90
C THR A 329 5.34 11.37 -18.15
CA CA B . 8.80 -8.91 -1.00
CA CA C . -7.11 -14.17 -4.63
O1 D7G D . -11.16 1.36 4.54
C1 D7G D . -9.98 2.06 4.94
C2 D7G D . -9.21 1.25 6.00
O2 D7G D . -8.10 1.62 6.38
N1 D7G D . -9.85 0.19 6.50
C3 D7G D . -9.25 -0.66 7.53
C4 D7G D . -10.21 -1.41 8.46
C5 D7G D . -9.53 -0.14 8.95
C6 D7G D . -10.42 3.38 5.55
N2 D7G D . -11.11 4.11 4.47
C7 D7G D . -10.74 5.32 4.06
O3 D7G D . -9.80 5.97 4.53
C8 D7G D . -11.57 5.87 2.89
N3 D7G D . -11.56 7.34 3.02
C9 D7G D . -12.61 8.03 3.44
C9 D7G D . -12.31 8.00 3.90
O4 D7G D . -13.70 7.51 3.75
O4 D7G D . -12.28 9.22 4.00
O5 D7G D . -12.48 9.38 3.54
O5 D7G D . -13.14 7.30 4.74
C10 D7G D . -12.65 9.80 4.91
C10 D7G D . -14.54 7.44 4.42
C11 D7G D . -12.05 11.17 5.13
C11 D7G D . -15.14 6.13 3.91
O6 D7G D . -11.19 11.10 6.27
O6 D7G D . -15.15 5.13 4.93
C12 D7G D . -10.12 12.05 6.07
C12 D7G D . -16.49 4.93 5.44
C13 D7G D . -9.85 12.78 7.38
C13 D7G D . -16.48 5.01 6.96
O7 D7G D . -8.68 13.58 7.21
O7 D7G D . -17.05 3.82 7.52
C14 D7G D . -8.69 14.67 8.15
C14 D7G D . -18.25 4.11 8.26
C15 D7G D . -10.88 5.41 1.59
C16 D7G D . -11.59 5.94 0.33
C17 D7G D . -10.81 5.59 -0.94
C18 D7G D . -13.05 5.47 0.20
C19 D7G D . -11.38 3.18 6.74
C20 D7G D . -11.60 4.49 7.48
C21 D7G D . -10.80 4.80 8.58
C22 D7G D . -10.99 6.01 9.26
C23 D7G D . -11.97 6.91 8.83
C24 D7G D . -12.77 6.61 7.73
C25 D7G D . -12.59 5.39 7.04
#